data_2J67
#
_entry.id   2J67
#
_cell.length_a   66.200
_cell.length_b   43.300
_cell.length_c   71.300
_cell.angle_alpha   90.00
_cell.angle_beta   101.00
_cell.angle_gamma   90.00
#
_symmetry.space_group_name_H-M   'P 1 21 1'
#
loop_
_entity.id
_entity.type
_entity.pdbx_description
1 polymer 'TOLL LIKE RECEPTOR 10'
2 water water
#
_entity_poly.entity_id   1
_entity_poly.type   'polypeptide(L)'
_entity_poly.pdbx_seq_one_letter_code
;MHHHHHHSSGVDLGTENLYFQSMKTTQEQLKRNVRFHAFISYSEHDSLWVKNELIPNLEKEDGSILICLYESYFDPGKSI
SENIVSFIEKSYKSIFVLSPNFVQNEWCHYEFYFAHHNLFHENSDHIILILLEPIPFYCIPTRYHKLKALLEKKAYLEWP
KDRRKCGLFWANLRAAIN
;
_entity_poly.pdbx_strand_id   A,B
#
# COMPACT_ATOMS: atom_id res chain seq x y z
N LEU A 30 -10.35 0.72 24.29
CA LEU A 30 -9.67 1.98 24.72
C LEU A 30 -8.36 2.19 23.95
N LYS A 31 -8.25 3.32 23.27
CA LYS A 31 -7.15 3.59 22.33
C LYS A 31 -5.82 3.91 23.03
N ARG A 32 -4.71 3.62 22.36
CA ARG A 32 -3.37 3.84 22.90
C ARG A 32 -2.58 4.88 22.10
N ASN A 33 -1.56 5.44 22.73
CA ASN A 33 -0.69 6.44 22.13
CA ASN A 33 -0.71 6.53 22.19
C ASN A 33 -1.35 7.28 21.04
N VAL A 34 -2.45 7.95 21.35
CA VAL A 34 -3.18 8.72 20.34
C VAL A 34 -2.48 10.05 20.15
N ARG A 35 -2.05 10.33 18.94
CA ARG A 35 -1.30 11.56 18.67
C ARG A 35 -2.08 12.57 17.83
N PHE A 36 -3.22 12.12 17.27
CA PHE A 36 -4.05 12.90 16.31
C PHE A 36 -5.55 12.84 16.63
N HIS A 37 -6.27 13.95 16.44
CA HIS A 37 -7.72 13.92 16.48
C HIS A 37 -8.31 13.11 15.31
N ALA A 38 -7.70 13.18 14.13
CA ALA A 38 -8.31 12.62 12.94
C ALA A 38 -7.23 12.23 11.93
N PHE A 39 -7.42 11.06 11.37
CA PHE A 39 -6.66 10.60 10.22
C PHE A 39 -7.60 10.78 9.02
N ILE A 40 -7.09 11.33 7.92
CA ILE A 40 -7.89 11.48 6.71
C ILE A 40 -7.25 10.67 5.60
N SER A 41 -8.01 9.67 5.13
CA SER A 41 -7.60 8.79 4.07
C SER A 41 -8.32 9.17 2.78
N TYR A 42 -7.58 9.38 1.70
CA TYR A 42 -8.19 9.81 0.44
C TYR A 42 -7.33 9.53 -0.73
N SER A 43 -7.93 9.47 -1.93
CA SER A 43 -7.23 9.59 -3.19
C SER A 43 -6.72 10.99 -3.41
N GLU A 44 -5.45 11.08 -3.82
CA GLU A 44 -4.91 12.37 -4.21
C GLU A 44 -5.79 13.07 -5.29
N HIS A 45 -6.53 12.30 -6.09
CA HIS A 45 -7.48 12.91 -7.05
C HIS A 45 -8.63 13.70 -6.38
N ASP A 46 -8.83 13.47 -5.09
CA ASP A 46 -9.84 14.19 -4.31
C ASP A 46 -9.19 15.18 -3.34
N SER A 47 -7.91 15.47 -3.58
CA SER A 47 -7.09 16.50 -2.85
C SER A 47 -7.78 17.85 -2.64
N LEU A 48 -8.30 18.37 -3.69
CA LEU A 48 -8.80 19.73 -3.63
C LEU A 48 -9.95 19.78 -2.65
N TRP A 49 -10.83 18.79 -2.63
CA TRP A 49 -11.92 18.84 -1.68
C TRP A 49 -11.37 18.67 -0.28
N VAL A 50 -10.44 17.73 -0.13
CA VAL A 50 -9.94 17.42 1.18
C VAL A 50 -9.27 18.65 1.79
N LYS A 51 -8.40 19.27 1.02
CA LYS A 51 -7.61 20.39 1.51
C LYS A 51 -8.31 21.78 1.44
N ASN A 52 -9.15 22.01 0.45
CA ASN A 52 -9.98 23.25 0.38
C ASN A 52 -11.32 23.29 1.14
N GLU A 53 -11.91 22.11 1.45
CA GLU A 53 -13.21 22.01 2.14
C GLU A 53 -13.09 21.32 3.52
N LEU A 54 -12.76 20.03 3.54
CA LEU A 54 -12.71 19.23 4.78
C LEU A 54 -11.72 19.74 5.84
N ILE A 55 -10.46 19.91 5.52
CA ILE A 55 -9.52 20.36 6.54
C ILE A 55 -9.84 21.75 7.09
N PRO A 56 -10.11 22.74 6.23
CA PRO A 56 -10.56 24.01 6.82
C PRO A 56 -11.73 23.88 7.80
N ASN A 57 -12.70 23.03 7.51
CA ASN A 57 -13.81 22.87 8.44
C ASN A 57 -13.46 22.14 9.75
N LEU A 58 -12.47 21.25 9.73
CA LEU A 58 -12.01 20.57 10.96
C LEU A 58 -11.18 21.53 11.82
N GLU A 59 -10.28 22.26 11.17
CA GLU A 59 -9.56 23.33 11.85
C GLU A 59 -10.52 24.45 12.31
N LYS A 60 -11.78 24.10 12.59
CA LYS A 60 -12.70 24.97 13.34
C LYS A 60 -12.87 24.55 14.81
N GLU A 61 -11.87 23.81 15.30
CA GLU A 61 -11.13 24.23 16.50
C GLU A 61 -9.77 24.49 15.85
N ASP A 62 -9.42 25.77 15.69
CA ASP A 62 -8.42 26.16 14.69
C ASP A 62 -6.98 25.91 15.14
N SER A 64 -5.37 24.11 16.93
CA SER A 64 -5.16 23.06 17.92
C SER A 64 -5.52 21.63 17.47
N ILE A 65 -6.29 21.47 16.40
CA ILE A 65 -6.67 20.11 15.95
C ILE A 65 -5.57 19.49 15.14
N LEU A 66 -5.26 18.23 15.45
CA LEU A 66 -4.07 17.60 14.96
C LEU A 66 -4.54 16.52 14.02
N ILE A 67 -4.05 16.59 12.78
CA ILE A 67 -4.54 15.81 11.64
C ILE A 67 -3.42 14.95 11.08
N CYS A 68 -3.65 13.65 11.01
CA CYS A 68 -2.71 12.73 10.39
C CYS A 68 -3.08 12.51 8.94
N LEU A 69 -2.08 12.64 8.10
CA LEU A 69 -2.24 12.54 6.67
C LEU A 69 -1.07 11.69 6.22
N TYR A 70 -1.31 10.80 5.29
CA TYR A 70 -0.26 9.97 4.75
C TYR A 70 0.89 10.76 4.19
N GLU A 71 0.60 11.87 3.50
CA GLU A 71 1.63 12.61 2.83
C GLU A 71 2.63 13.14 3.84
N SER A 72 2.19 13.42 5.06
CA SER A 72 3.11 14.00 6.04
C SER A 72 3.61 13.02 7.11
N TYR A 73 2.97 11.86 7.30
CA TYR A 73 3.44 10.89 8.32
C TYR A 73 3.80 9.47 7.88
N PHE A 74 3.65 9.13 6.60
CA PHE A 74 4.14 7.83 6.15
C PHE A 74 5.64 7.78 6.38
N ASP A 75 6.08 6.77 7.12
CA ASP A 75 7.47 6.54 7.47
C ASP A 75 7.97 5.33 6.70
N PRO A 76 8.86 5.54 5.72
CA PRO A 76 9.26 4.37 4.96
C PRO A 76 10.19 3.44 5.75
N GLY A 77 10.64 3.86 6.92
CA GLY A 77 11.34 2.96 7.85
C GLY A 77 10.45 1.86 8.43
N LYS A 78 9.12 2.00 8.28
CA LYS A 78 8.15 0.93 8.63
C LYS A 78 7.51 0.39 7.38
N SER A 79 6.87 -0.78 7.50
CA SER A 79 6.15 -1.41 6.39
C SER A 79 4.89 -0.64 6.06
N ILE A 80 4.39 -0.84 4.85
CA ILE A 80 3.21 -0.13 4.38
C ILE A 80 2.09 -0.39 5.36
N SER A 81 1.86 -1.67 5.69
CA SER A 81 0.78 -2.03 6.62
C SER A 81 0.96 -1.45 8.01
N GLU A 82 2.19 -1.34 8.48
CA GLU A 82 2.46 -0.83 9.83
C GLU A 82 2.09 0.66 9.86
N ASN A 83 2.44 1.38 8.81
CA ASN A 83 1.98 2.78 8.67
C ASN A 83 0.50 2.89 8.70
N ILE A 84 -0.21 2.10 7.90
CA ILE A 84 -1.65 2.22 7.88
C ILE A 84 -2.25 1.92 9.26
N VAL A 85 -1.77 0.86 9.92
CA VAL A 85 -2.20 0.59 11.30
C VAL A 85 -1.94 1.78 12.21
N SER A 86 -0.76 2.39 12.16
CA SER A 86 -0.47 3.58 12.99
C SER A 86 -1.42 4.71 12.69
N PHE A 87 -1.67 4.97 11.42
CA PHE A 87 -2.59 6.05 11.07
C PHE A 87 -3.96 5.92 11.80
N ILE A 88 -4.56 4.74 11.71
CA ILE A 88 -5.87 4.55 12.27
C ILE A 88 -5.79 4.46 13.80
N GLU A 89 -4.82 3.73 14.31
CA GLU A 89 -4.85 3.43 15.74
C GLU A 89 -4.32 4.59 16.56
N LYS A 90 -3.50 5.47 15.97
CA LYS A 90 -2.98 6.63 16.73
C LYS A 90 -3.87 7.85 16.55
N SER A 91 -5.07 7.67 16.00
CA SER A 91 -6.00 8.77 15.73
C SER A 91 -7.35 8.53 16.40
N TYR A 92 -7.95 9.55 17.01
CA TYR A 92 -9.28 9.39 17.63
CA TYR A 92 -9.28 9.41 17.64
C TYR A 92 -10.32 8.96 16.61
N LYS A 93 -10.26 9.53 15.42
CA LYS A 93 -11.13 9.11 14.32
C LYS A 93 -10.38 9.05 13.00
N SER A 94 -10.81 8.14 12.16
CA SER A 94 -10.29 7.99 10.82
C SER A 94 -11.41 8.36 9.92
N ILE A 95 -11.16 9.26 8.97
CA ILE A 95 -12.19 9.68 8.02
C ILE A 95 -11.78 9.11 6.66
N PHE A 96 -12.65 8.32 6.05
CA PHE A 96 -12.40 7.78 4.71
C PHE A 96 -13.27 8.50 3.70
N VAL A 97 -12.61 9.11 2.72
CA VAL A 97 -13.23 9.85 1.66
C VAL A 97 -13.44 8.95 0.47
N LEU A 98 -14.63 8.42 0.39
CA LEU A 98 -14.98 7.45 -0.59
C LEU A 98 -15.39 8.07 -1.94
N SER A 99 -14.92 7.44 -3.01
CA SER A 99 -15.17 7.80 -4.40
C SER A 99 -14.73 6.60 -5.29
N PRO A 100 -15.09 6.61 -6.60
CA PRO A 100 -14.58 5.60 -7.57
C PRO A 100 -13.02 5.54 -7.57
N ASN A 101 -12.36 6.70 -7.53
CA ASN A 101 -10.90 6.72 -7.43
C ASN A 101 -10.37 6.10 -6.15
N PHE A 102 -10.98 6.37 -5.01
CA PHE A 102 -10.50 5.79 -3.77
C PHE A 102 -10.66 4.26 -3.83
N VAL A 103 -11.84 3.79 -4.24
CA VAL A 103 -12.13 2.37 -4.29
C VAL A 103 -11.21 1.65 -5.27
N GLN A 104 -11.08 2.18 -6.47
CA GLN A 104 -10.28 1.53 -7.51
C GLN A 104 -8.79 1.50 -7.25
N ASN A 105 -8.25 2.56 -6.60
CA ASN A 105 -6.80 2.73 -6.43
C ASN A 105 -6.19 2.61 -5.02
N GLU A 106 -6.98 2.86 -3.98
CA GLU A 106 -6.49 3.00 -2.62
C GLU A 106 -6.96 1.94 -1.66
N TRP A 107 -8.18 1.47 -1.88
CA TRP A 107 -8.80 0.56 -0.93
C TRP A 107 -8.00 -0.72 -0.78
N CYS A 108 -7.33 -1.14 -1.84
CA CYS A 108 -6.64 -2.41 -1.82
C CYS A 108 -5.60 -2.48 -0.68
N HIS A 109 -5.07 -1.33 -0.23
CA HIS A 109 -4.07 -1.28 0.81
C HIS A 109 -4.67 -1.24 2.20
N TYR A 110 -5.99 -1.03 2.30
CA TYR A 110 -6.71 -1.14 3.56
C TYR A 110 -7.40 -2.50 3.79
N GLU A 111 -7.52 -3.31 2.74
CA GLU A 111 -8.23 -4.61 2.89
C GLU A 111 -7.69 -5.45 4.03
N PHE A 112 -6.35 -5.49 4.21
CA PHE A 112 -5.73 -6.34 5.24
C PHE A 112 -6.20 -5.92 6.64
N TYR A 113 -6.57 -4.65 6.78
CA TYR A 113 -6.97 -4.08 8.07
C TYR A 113 -8.44 -4.39 8.33
N PHE A 114 -9.29 -3.97 7.42
CA PHE A 114 -10.73 -4.12 7.63
C PHE A 114 -11.28 -5.55 7.43
N ALA A 115 -10.49 -6.47 6.86
CA ALA A 115 -10.88 -7.88 6.81
C ALA A 115 -10.98 -8.48 8.21
N HIS A 116 -10.31 -7.85 9.19
CA HIS A 116 -10.27 -8.37 10.58
C HIS A 116 -10.63 -7.36 11.68
N HIS A 117 -11.01 -6.14 11.29
CA HIS A 117 -11.41 -5.07 12.22
C HIS A 117 -12.77 -4.54 11.77
N ASN A 118 -13.55 -4.02 12.71
CA ASN A 118 -14.93 -3.54 12.42
C ASN A 118 -14.99 -2.03 12.30
N HIS A 126 -15.87 6.39 15.60
CA HIS A 126 -14.56 5.77 15.36
C HIS A 126 -14.11 5.84 13.89
N ILE A 127 -14.78 5.11 13.00
CA ILE A 127 -14.52 5.21 11.56
C ILE A 127 -15.62 6.03 10.92
N ILE A 128 -15.22 7.11 10.22
CA ILE A 128 -16.20 7.96 9.51
C ILE A 128 -16.02 7.82 7.99
N LEU A 129 -17.11 7.50 7.32
CA LEU A 129 -17.12 7.31 5.87
C LEU A 129 -17.87 8.46 5.26
N ILE A 130 -17.24 9.13 4.31
CA ILE A 130 -17.94 10.16 3.57
C ILE A 130 -18.08 9.68 2.15
N LEU A 131 -19.23 9.86 1.50
CA LEU A 131 -19.33 9.50 0.08
C LEU A 131 -19.17 10.81 -0.65
N LEU A 132 -17.95 11.07 -1.14
CA LEU A 132 -17.66 12.31 -1.83
C LEU A 132 -18.26 12.27 -3.24
N GLU A 133 -18.21 11.09 -3.85
CA GLU A 133 -18.69 10.89 -5.21
C GLU A 133 -19.35 9.48 -5.26
N PRO A 134 -20.53 9.33 -5.88
CA PRO A 134 -21.17 8.01 -5.95
C PRO A 134 -20.26 6.92 -6.48
N ILE A 135 -20.49 5.69 -6.06
CA ILE A 135 -19.69 4.53 -6.45
C ILE A 135 -20.69 3.54 -7.07
N PRO A 136 -20.56 3.21 -8.35
CA PRO A 136 -21.47 2.19 -8.87
C PRO A 136 -21.13 0.79 -8.30
N PHE A 137 -22.12 0.12 -7.72
CA PHE A 137 -21.89 -1.18 -7.09
C PHE A 137 -21.17 -2.14 -8.02
N TYR A 138 -21.47 -2.06 -9.29
CA TYR A 138 -20.87 -2.97 -10.29
C TYR A 138 -19.40 -2.78 -10.64
N CYS A 139 -18.77 -1.69 -10.19
CA CYS A 139 -17.34 -1.47 -10.37
C CYS A 139 -16.53 -1.85 -9.10
N ILE A 140 -17.20 -2.08 -7.98
CA ILE A 140 -16.54 -2.51 -6.74
C ILE A 140 -16.08 -3.96 -6.75
N PRO A 141 -14.76 -4.22 -6.62
CA PRO A 141 -14.27 -5.60 -6.62
C PRO A 141 -15.04 -6.54 -5.66
N THR A 142 -15.29 -7.75 -6.10
CA THR A 142 -16.11 -8.72 -5.38
C THR A 142 -15.64 -8.95 -3.95
N ARG A 143 -14.32 -9.00 -3.76
CA ARG A 143 -13.71 -9.26 -2.44
C ARG A 143 -13.93 -8.16 -1.39
N TYR A 144 -14.33 -6.97 -1.81
CA TYR A 144 -14.55 -5.90 -0.82
C TYR A 144 -15.92 -6.04 -0.20
N HIS A 145 -16.06 -7.08 0.63
CA HIS A 145 -17.35 -7.37 1.25
C HIS A 145 -17.83 -6.31 2.23
N LYS A 146 -16.98 -5.91 3.14
CA LYS A 146 -17.41 -4.93 4.13
C LYS A 146 -17.73 -3.57 3.49
N LEU A 147 -16.94 -3.17 2.49
CA LEU A 147 -17.21 -1.91 1.79
C LEU A 147 -18.56 -1.92 1.12
N LYS A 148 -18.91 -3.03 0.49
CA LYS A 148 -20.07 -3.02 -0.38
C LYS A 148 -21.30 -3.03 0.53
N ALA A 149 -21.18 -3.67 1.68
CA ALA A 149 -22.25 -3.72 2.69
C ALA A 149 -22.46 -2.38 3.41
N LEU A 150 -21.39 -1.65 3.70
CA LEU A 150 -21.56 -0.30 4.23
C LEU A 150 -22.32 0.56 3.21
N LEU A 151 -21.89 0.52 1.96
CA LEU A 151 -22.52 1.30 0.87
C LEU A 151 -24.00 0.95 0.72
N GLU A 152 -24.31 -0.35 0.74
CA GLU A 152 -25.68 -0.88 0.67
C GLU A 152 -26.61 -0.33 1.74
N LYS A 153 -26.15 -0.34 2.99
CA LYS A 153 -26.97 0.15 4.12
C LYS A 153 -26.83 1.66 4.27
N LYS A 154 -26.07 2.29 3.38
CA LYS A 154 -25.91 3.72 3.37
C LYS A 154 -25.30 4.34 4.67
N ALA A 155 -24.41 3.58 5.32
CA ALA A 155 -23.67 4.06 6.49
C ALA A 155 -22.54 5.02 6.08
N TYR A 156 -22.91 6.20 5.61
CA TYR A 156 -21.92 7.18 5.22
C TYR A 156 -22.55 8.56 5.24
N LEU A 157 -21.73 9.60 5.21
CA LEU A 157 -22.23 10.97 4.99
C LEU A 157 -22.04 11.36 3.55
N GLU A 158 -23.12 11.66 2.84
CA GLU A 158 -23.04 12.02 1.43
C GLU A 158 -22.71 13.51 1.25
N TRP A 159 -21.62 13.83 0.60
CA TRP A 159 -21.40 15.21 0.18
C TRP A 159 -22.48 15.64 -0.83
N PRO A 160 -23.25 16.69 -0.52
CA PRO A 160 -24.27 17.19 -1.42
C PRO A 160 -23.64 17.96 -2.56
N LYS A 161 -24.16 17.83 -3.77
CA LYS A 161 -23.63 18.59 -4.90
C LYS A 161 -24.43 19.88 -5.00
N ASP A 162 -25.52 19.90 -4.24
CA ASP A 162 -26.33 21.07 -4.04
C ASP A 162 -25.72 21.88 -2.88
N ARG A 163 -25.21 23.08 -3.19
CA ARG A 163 -24.47 23.95 -2.25
C ARG A 163 -25.27 24.48 -1.07
N ARG A 164 -26.57 24.67 -1.22
CA ARG A 164 -27.36 25.10 -0.07
C ARG A 164 -27.50 24.00 1.01
N LYS A 165 -27.28 22.75 0.63
CA LYS A 165 -27.32 21.63 1.58
C LYS A 165 -26.01 21.39 2.32
N CYS A 166 -24.97 22.18 2.02
CA CYS A 166 -23.63 21.93 2.59
C CYS A 166 -23.58 22.21 4.09
N GLY A 167 -24.39 23.16 4.56
CA GLY A 167 -24.49 23.44 6.00
C GLY A 167 -24.88 22.19 6.78
N LEU A 168 -25.99 21.57 6.38
CA LEU A 168 -26.45 20.30 6.98
C LEU A 168 -25.33 19.26 6.97
N PHE A 169 -24.62 19.16 5.85
CA PHE A 169 -23.50 18.22 5.74
C PHE A 169 -22.49 18.43 6.86
N TRP A 170 -21.99 19.66 6.98
CA TRP A 170 -20.95 19.95 7.94
C TRP A 170 -21.46 19.77 9.36
N ALA A 171 -22.73 20.12 9.57
CA ALA A 171 -23.36 19.87 10.87
C ALA A 171 -23.34 18.36 11.21
N ASN A 172 -23.69 17.52 10.24
CA ASN A 172 -23.69 16.07 10.45
C ASN A 172 -22.31 15.54 10.68
N LEU A 173 -21.32 16.13 10.03
CA LEU A 173 -19.94 15.74 10.23
C LEU A 173 -19.44 16.06 11.65
N ARG A 174 -19.79 17.23 12.17
CA ARG A 174 -19.34 17.60 13.52
C ARG A 174 -20.03 16.76 14.60
N ALA A 175 -21.27 16.39 14.36
CA ALA A 175 -21.97 15.52 15.28
C ALA A 175 -21.29 14.16 15.28
N ALA A 176 -20.84 13.72 14.10
CA ALA A 176 -20.21 12.41 13.97
C ALA A 176 -18.82 12.37 14.62
N ILE A 177 -18.06 13.46 14.56
CA ILE A 177 -16.70 13.43 15.13
C ILE A 177 -16.62 13.77 16.63
N ASN A 178 -17.10 14.97 16.99
CA ASN A 178 -17.00 15.46 18.36
C ASN A 178 -15.60 15.20 18.95
N ARG B 32 14.55 1.05 -21.00
CA ARG B 32 15.12 2.14 -21.90
C ARG B 32 15.08 3.57 -21.31
N ASN B 33 14.25 3.79 -20.30
CA ASN B 33 14.33 4.97 -19.42
C ASN B 33 14.54 4.56 -17.94
N VAL B 34 15.22 3.44 -17.72
CA VAL B 34 15.42 2.98 -16.36
C VAL B 34 16.39 3.85 -15.55
N ARG B 35 16.18 3.87 -14.24
CA ARG B 35 17.10 4.50 -13.29
C ARG B 35 17.85 3.48 -12.44
N PHE B 36 17.29 2.29 -12.29
CA PHE B 36 17.87 1.23 -11.46
C PHE B 36 18.07 -0.07 -12.25
N HIS B 37 19.01 -0.89 -11.80
CA HIS B 37 19.25 -2.21 -12.37
C HIS B 37 18.18 -3.17 -11.82
N ALA B 38 17.96 -3.09 -10.52
CA ALA B 38 17.03 -3.98 -9.84
C ALA B 38 16.30 -3.26 -8.70
N PHE B 39 14.98 -3.38 -8.70
CA PHE B 39 14.10 -3.12 -7.55
C PHE B 39 14.00 -4.44 -6.77
N ILE B 40 14.09 -4.37 -5.43
CA ILE B 40 13.91 -5.54 -4.60
C ILE B 40 12.76 -5.31 -3.63
N SER B 41 11.71 -6.13 -3.76
CA SER B 41 10.57 -6.13 -2.86
C SER B 41 10.69 -7.33 -1.87
N TYR B 42 10.43 -7.10 -0.59
CA TYR B 42 10.69 -8.11 0.45
C TYR B 42 10.04 -7.67 1.71
N SER B 43 9.72 -8.67 2.52
CA SER B 43 9.18 -8.48 3.87
C SER B 43 10.32 -8.10 4.84
N GLU B 44 10.07 -7.26 5.83
CA GLU B 44 11.19 -6.85 6.68
C GLU B 44 11.72 -8.01 7.54
N HIS B 45 10.90 -9.04 7.73
CA HIS B 45 11.32 -10.25 8.43
C HIS B 45 12.32 -11.08 7.65
N ASP B 46 12.44 -10.81 6.34
CA ASP B 46 13.45 -11.42 5.47
C ASP B 46 14.59 -10.45 5.12
N SER B 47 14.69 -9.32 5.85
CA SER B 47 15.68 -8.28 5.53
C SER B 47 17.10 -8.78 5.75
N LEU B 48 17.33 -9.64 6.73
CA LEU B 48 18.69 -10.15 6.97
C LEU B 48 19.24 -10.88 5.79
N TRP B 49 18.42 -11.71 5.17
CA TRP B 49 18.84 -12.42 3.95
C TRP B 49 19.01 -11.39 2.83
N VAL B 50 18.07 -10.48 2.71
CA VAL B 50 18.19 -9.46 1.66
C VAL B 50 19.50 -8.68 1.79
N LYS B 51 19.80 -8.16 2.97
CA LYS B 51 20.93 -7.25 3.13
C LYS B 51 22.31 -7.86 3.35
N ASN B 52 22.37 -9.12 3.79
CA ASN B 52 23.64 -9.84 3.99
C ASN B 52 23.96 -10.91 2.96
N GLU B 53 22.99 -11.30 2.13
CA GLU B 53 23.19 -12.35 1.12
C GLU B 53 22.84 -11.85 -0.26
N LEU B 54 21.58 -11.47 -0.45
CA LEU B 54 21.10 -11.01 -1.74
C LEU B 54 21.94 -9.85 -2.29
N ILE B 55 21.87 -8.72 -1.59
CA ILE B 55 22.52 -7.49 -2.05
C ILE B 55 24.02 -7.65 -2.18
N PRO B 56 24.71 -8.19 -1.16
CA PRO B 56 26.16 -8.43 -1.33
C PRO B 56 26.59 -9.28 -2.55
N ASN B 57 25.86 -10.35 -2.87
CA ASN B 57 26.19 -11.18 -4.03
C ASN B 57 25.91 -10.52 -5.39
N LEU B 58 24.90 -9.65 -5.45
CA LEU B 58 24.69 -8.82 -6.65
C LEU B 58 25.78 -7.75 -6.73
N GLU B 59 26.28 -7.30 -5.59
CA GLU B 59 27.36 -6.30 -5.54
C GLU B 59 28.74 -6.93 -5.72
N LYS B 60 28.86 -8.22 -5.42
CA LYS B 60 30.17 -8.91 -5.37
C LYS B 60 30.85 -9.00 -6.74
N GLU B 61 30.06 -9.24 -7.80
CA GLU B 61 30.59 -9.22 -9.16
C GLU B 61 30.11 -7.99 -9.94
N ASP B 62 29.49 -7.03 -9.24
CA ASP B 62 29.13 -5.73 -9.81
C ASP B 62 29.10 -4.63 -8.73
N GLY B 63 30.27 -4.29 -8.22
CA GLY B 63 30.42 -3.32 -7.13
C GLY B 63 29.36 -2.24 -7.03
N SER B 64 29.16 -1.47 -8.10
CA SER B 64 28.26 -0.30 -8.05
C SER B 64 26.82 -0.54 -8.60
N ILE B 65 26.31 -1.78 -8.51
CA ILE B 65 24.99 -2.09 -9.01
C ILE B 65 23.98 -1.12 -8.44
N LEU B 66 23.07 -0.64 -9.28
CA LEU B 66 22.05 0.32 -8.84
C LEU B 66 20.78 -0.40 -8.41
N ILE B 67 20.45 -0.30 -7.12
CA ILE B 67 19.35 -1.04 -6.49
C ILE B 67 18.31 -0.12 -5.91
N CYS B 68 17.04 -0.33 -6.27
CA CYS B 68 15.94 0.45 -5.70
C CYS B 68 15.27 -0.31 -4.57
N LEU B 69 15.33 0.26 -3.36
CA LEU B 69 14.66 -0.26 -2.18
C LEU B 69 13.53 0.70 -1.78
N TYR B 70 12.41 0.13 -1.35
CA TYR B 70 11.30 0.88 -0.84
C TYR B 70 11.68 1.86 0.29
N GLU B 71 12.51 1.37 1.23
CA GLU B 71 12.96 2.13 2.40
C GLU B 71 13.69 3.42 2.04
N SER B 72 14.34 3.45 0.88
CA SER B 72 15.18 4.55 0.40
C SER B 72 14.51 5.45 -0.64
N TYR B 73 13.60 4.88 -1.41
CA TYR B 73 13.00 5.61 -2.54
C TYR B 73 11.50 5.92 -2.42
N PHE B 74 10.82 5.40 -1.39
CA PHE B 74 9.40 5.77 -1.20
C PHE B 74 9.21 7.30 -1.16
N ASP B 75 8.16 7.77 -1.80
CA ASP B 75 7.92 9.21 -1.91
C ASP B 75 6.49 9.37 -1.56
N PRO B 76 6.21 9.93 -0.37
CA PRO B 76 4.83 10.08 0.02
C PRO B 76 4.16 11.24 -0.72
N GLY B 77 4.93 11.94 -1.55
CA GLY B 77 4.37 12.81 -2.59
C GLY B 77 3.57 12.00 -3.62
N LYS B 78 3.82 10.70 -3.73
CA LYS B 78 3.05 9.79 -4.61
C LYS B 78 2.27 8.77 -3.78
N SER B 79 1.26 8.13 -4.38
CA SER B 79 0.50 7.13 -3.68
C SER B 79 1.32 5.84 -3.47
N ILE B 80 0.79 4.92 -2.68
CA ILE B 80 1.49 3.67 -2.37
C ILE B 80 1.62 2.92 -3.70
N SER B 81 0.52 2.76 -4.42
CA SER B 81 0.53 2.08 -5.73
C SER B 81 1.40 2.80 -6.79
N GLU B 82 1.36 4.12 -6.76
CA GLU B 82 2.16 4.94 -7.67
C GLU B 82 3.64 4.80 -7.36
N ASN B 83 3.98 4.80 -6.07
CA ASN B 83 5.34 4.40 -5.65
C ASN B 83 5.74 3.03 -6.18
N ILE B 84 4.91 1.99 -5.96
CA ILE B 84 5.27 0.64 -6.41
C ILE B 84 5.45 0.60 -7.92
N VAL B 85 4.49 1.17 -8.62
CA VAL B 85 4.57 1.24 -10.10
C VAL B 85 5.90 1.88 -10.53
N SER B 86 6.27 2.99 -9.90
CA SER B 86 7.51 3.67 -10.24
C SER B 86 8.71 2.80 -9.95
N PHE B 87 8.78 2.16 -8.77
CA PHE B 87 9.87 1.21 -8.48
C PHE B 87 10.02 0.22 -9.62
N ILE B 88 8.93 -0.43 -9.99
CA ILE B 88 8.98 -1.45 -11.04
C ILE B 88 9.35 -0.92 -12.43
N GLU B 89 8.64 0.10 -12.91
CA GLU B 89 8.92 0.65 -14.24
C GLU B 89 10.33 1.24 -14.38
N LYS B 90 10.88 1.81 -13.32
CA LYS B 90 12.20 2.43 -13.37
C LYS B 90 13.33 1.43 -13.18
N SER B 91 13.01 0.15 -13.05
CA SER B 91 14.08 -0.83 -12.81
C SER B 91 14.14 -1.82 -13.92
N TYR B 92 15.34 -2.17 -14.31
CA TYR B 92 15.56 -3.09 -15.38
C TYR B 92 14.88 -4.41 -15.06
N LYS B 93 15.06 -4.87 -13.83
CA LYS B 93 14.40 -6.04 -13.32
C LYS B 93 13.80 -5.74 -11.98
N SER B 94 12.71 -6.42 -11.68
CA SER B 94 12.11 -6.44 -10.36
C SER B 94 12.21 -7.89 -9.78
N ILE B 95 12.82 -7.95 -8.60
CA ILE B 95 12.99 -9.14 -7.80
C ILE B 95 12.03 -9.11 -6.58
N PHE B 96 11.17 -10.12 -6.49
CA PHE B 96 10.28 -10.31 -5.38
C PHE B 96 10.75 -11.48 -4.56
N VAL B 97 10.92 -11.25 -3.24
CA VAL B 97 11.52 -12.21 -2.36
C VAL B 97 10.37 -12.89 -1.63
N LEU B 98 9.99 -14.06 -2.13
CA LEU B 98 8.75 -14.71 -1.68
C LEU B 98 9.02 -15.67 -0.56
N SER B 99 8.09 -15.64 0.38
CA SER B 99 8.17 -16.32 1.61
C SER B 99 6.78 -16.20 2.19
N PRO B 100 6.46 -17.07 3.14
CA PRO B 100 5.30 -16.88 4.01
C PRO B 100 5.23 -15.49 4.63
N ASN B 101 6.36 -14.95 5.09
CA ASN B 101 6.40 -13.59 5.62
C ASN B 101 5.92 -12.60 4.55
N PHE B 102 6.43 -12.72 3.33
CA PHE B 102 5.99 -11.83 2.24
C PHE B 102 4.50 -11.96 1.93
N VAL B 103 4.02 -13.20 1.77
CA VAL B 103 2.64 -13.46 1.39
C VAL B 103 1.69 -12.91 2.47
N GLN B 104 2.05 -13.09 3.73
CA GLN B 104 1.13 -12.78 4.82
C GLN B 104 1.06 -11.28 5.14
N ASN B 105 2.14 -10.57 4.84
CA ASN B 105 2.26 -9.16 5.20
C ASN B 105 2.38 -8.22 4.01
N GLU B 106 3.08 -8.64 2.97
CA GLU B 106 3.40 -7.72 1.85
C GLU B 106 2.61 -7.95 0.55
N TRP B 107 2.22 -9.17 0.26
CA TRP B 107 1.61 -9.45 -1.04
C TRP B 107 0.37 -8.59 -1.34
N CYS B 108 -0.43 -8.28 -0.32
CA CYS B 108 -1.66 -7.49 -0.48
C CYS B 108 -1.44 -6.12 -1.11
N HIS B 109 -0.23 -5.57 -0.97
CA HIS B 109 0.09 -4.25 -1.54
C HIS B 109 0.66 -4.32 -2.95
N TYR B 110 1.05 -5.52 -3.40
CA TYR B 110 1.64 -5.65 -4.71
C TYR B 110 0.73 -6.35 -5.72
N GLU B 111 -0.29 -7.04 -5.22
CA GLU B 111 -1.20 -7.77 -6.09
C GLU B 111 -1.81 -6.91 -7.21
N PHE B 112 -1.98 -5.59 -6.98
CA PHE B 112 -2.68 -4.75 -7.96
C PHE B 112 -1.87 -4.65 -9.23
N TYR B 113 -0.55 -4.67 -9.10
CA TYR B 113 0.28 -4.66 -10.27
C TYR B 113 0.12 -5.98 -11.05
N PHE B 114 0.27 -7.10 -10.36
CA PHE B 114 0.21 -8.41 -10.98
C PHE B 114 -1.19 -8.65 -11.57
N ALA B 115 -2.23 -8.42 -10.78
CA ALA B 115 -3.59 -8.55 -11.31
C ALA B 115 -3.80 -7.66 -12.54
N HIS B 116 -3.20 -6.46 -12.56
CA HIS B 116 -3.42 -5.53 -13.68
C HIS B 116 -2.75 -5.98 -14.99
N HIS B 117 -1.52 -6.49 -14.89
CA HIS B 117 -0.73 -6.92 -16.04
C HIS B 117 -0.93 -8.41 -16.32
N ASN B 118 -2.00 -9.00 -15.78
CA ASN B 118 -2.37 -10.39 -16.00
C ASN B 118 -1.19 -11.35 -15.81
N LEU B 119 -0.39 -11.09 -14.77
CA LEU B 119 0.81 -11.89 -14.53
C LEU B 119 0.52 -13.23 -13.83
N PHE B 120 -0.77 -13.55 -13.63
CA PHE B 120 -1.16 -14.89 -13.15
C PHE B 120 -1.30 -15.89 -14.30
N HIS B 121 -1.77 -15.44 -15.47
CA HIS B 121 -1.89 -16.32 -16.67
C HIS B 121 -0.71 -16.16 -17.65
N GLU B 122 -0.02 -15.01 -17.56
CA GLU B 122 1.05 -14.66 -18.50
C GLU B 122 2.33 -14.23 -17.79
N ASN B 123 3.46 -14.36 -18.50
CA ASN B 123 4.79 -14.02 -17.97
C ASN B 123 5.25 -12.60 -18.40
N SER B 124 6.14 -12.02 -17.59
CA SER B 124 6.83 -10.76 -17.92
C SER B 124 8.33 -10.92 -17.65
N ASP B 125 9.15 -10.60 -18.64
CA ASP B 125 10.60 -10.88 -18.57
C ASP B 125 11.38 -10.05 -17.56
N HIS B 126 10.80 -8.94 -17.11
CA HIS B 126 11.47 -8.05 -16.15
C HIS B 126 11.16 -8.37 -14.68
N ILE B 127 10.31 -9.36 -14.44
CA ILE B 127 9.94 -9.77 -13.09
C ILE B 127 10.70 -11.08 -12.81
N ILE B 128 11.38 -11.12 -11.66
CA ILE B 128 12.12 -12.30 -11.20
C ILE B 128 11.56 -12.65 -9.83
N LEU B 129 11.12 -13.90 -9.65
CA LEU B 129 10.60 -14.34 -8.37
C LEU B 129 11.61 -15.28 -7.72
N ILE B 130 11.87 -15.04 -6.44
CA ILE B 130 12.77 -15.88 -5.65
C ILE B 130 11.93 -16.50 -4.56
N LEU B 131 11.91 -17.83 -4.52
CA LEU B 131 11.18 -18.57 -3.49
C LEU B 131 12.21 -18.81 -2.37
N LEU B 132 12.31 -17.86 -1.45
CA LEU B 132 13.29 -17.94 -0.39
C LEU B 132 12.95 -19.04 0.60
N GLU B 133 11.67 -19.30 0.75
CA GLU B 133 11.19 -20.24 1.74
C GLU B 133 9.88 -20.79 1.20
N PRO B 134 9.67 -22.13 1.28
CA PRO B 134 8.48 -22.66 0.62
C PRO B 134 7.21 -22.04 1.13
N ILE B 135 6.27 -21.85 0.21
CA ILE B 135 4.91 -21.44 0.54
C ILE B 135 3.96 -22.62 0.31
N PRO B 136 3.42 -23.17 1.41
CA PRO B 136 2.45 -24.25 1.28
C PRO B 136 1.13 -23.59 0.90
N PHE B 137 0.33 -24.23 0.06
CA PHE B 137 -0.84 -23.53 -0.51
C PHE B 137 -1.94 -23.27 0.55
N TYR B 138 -1.86 -23.94 1.69
CA TYR B 138 -2.83 -23.76 2.80
C TYR B 138 -2.46 -22.56 3.69
N GLU B 152 2.21 -17.77 -9.55
CA GLU B 152 2.83 -18.32 -10.76
C GLU B 152 3.35 -19.73 -10.50
N LYS B 153 3.05 -20.64 -11.44
CA LYS B 153 3.39 -22.06 -11.30
C LYS B 153 4.72 -22.41 -11.96
N LYS B 154 5.78 -22.19 -11.20
CA LYS B 154 7.07 -22.89 -11.30
C LYS B 154 8.21 -22.13 -12.00
N ALA B 155 7.99 -20.86 -12.30
CA ALA B 155 8.98 -20.04 -13.00
C ALA B 155 9.94 -19.28 -12.06
N TYR B 156 9.93 -19.62 -10.77
CA TYR B 156 10.77 -18.97 -9.76
C TYR B 156 12.21 -19.52 -9.63
N LEU B 157 13.02 -18.79 -8.87
CA LEU B 157 14.36 -19.20 -8.44
C LEU B 157 14.29 -19.61 -6.96
N GLU B 158 14.52 -20.87 -6.69
CA GLU B 158 14.34 -21.47 -5.38
C GLU B 158 15.65 -21.33 -4.64
N TRP B 159 15.61 -20.80 -3.42
CA TRP B 159 16.82 -20.79 -2.56
C TRP B 159 17.07 -22.20 -2.05
N PRO B 160 18.28 -22.73 -2.28
CA PRO B 160 18.55 -24.15 -2.06
C PRO B 160 18.58 -24.51 -0.57
N LYS B 161 18.16 -25.73 -0.26
CA LYS B 161 18.29 -26.32 1.07
C LYS B 161 19.73 -26.72 1.34
N ASP B 162 20.40 -27.15 0.28
CA ASP B 162 21.77 -27.58 0.37
C ASP B 162 22.70 -26.40 0.09
N ARG B 163 23.40 -25.98 1.13
CA ARG B 163 24.44 -24.95 1.06
C ARG B 163 25.40 -25.02 -0.15
N ARG B 164 25.70 -26.22 -0.65
CA ARG B 164 26.61 -26.37 -1.79
C ARG B 164 26.07 -25.83 -3.12
N LYS B 165 24.76 -25.60 -3.21
CA LYS B 165 24.12 -25.09 -4.43
C LYS B 165 23.84 -23.59 -4.37
N CYS B 166 24.34 -22.92 -3.33
CA CYS B 166 24.25 -21.46 -3.21
C CYS B 166 25.06 -20.73 -4.29
N GLY B 167 26.27 -21.20 -4.60
CA GLY B 167 27.04 -20.69 -5.73
C GLY B 167 26.22 -20.67 -7.02
N LEU B 168 25.61 -21.81 -7.32
CA LEU B 168 24.74 -22.00 -8.50
C LEU B 168 23.53 -21.04 -8.49
N PHE B 169 22.92 -20.86 -7.33
CA PHE B 169 21.75 -19.99 -7.21
C PHE B 169 22.14 -18.55 -7.59
N TRP B 170 23.29 -18.10 -7.10
CA TRP B 170 23.78 -16.76 -7.38
C TRP B 170 24.19 -16.68 -8.85
N ALA B 171 24.72 -17.77 -9.42
CA ALA B 171 24.95 -17.78 -10.87
C ALA B 171 23.64 -17.57 -11.63
N ASN B 172 22.61 -18.30 -11.25
CA ASN B 172 21.30 -18.18 -11.87
C ASN B 172 20.70 -16.79 -11.71
N LEU B 173 20.90 -16.21 -10.56
CA LEU B 173 20.33 -14.91 -10.29
C LEU B 173 21.01 -13.88 -11.16
N ARG B 174 22.34 -13.92 -11.28
CA ARG B 174 23.04 -12.93 -12.12
C ARG B 174 22.65 -13.05 -13.59
N ALA B 175 22.44 -14.28 -14.06
CA ALA B 175 21.91 -14.51 -15.41
C ALA B 175 20.56 -13.79 -15.59
N ALA B 176 19.68 -13.91 -14.59
CA ALA B 176 18.33 -13.32 -14.67
C ALA B 176 18.28 -11.79 -14.73
N ILE B 177 19.22 -11.12 -14.05
CA ILE B 177 19.30 -9.64 -14.01
C ILE B 177 20.18 -8.99 -15.10
N ASN B 178 21.03 -9.76 -15.77
CA ASN B 178 21.89 -9.20 -16.81
C ASN B 178 21.28 -9.43 -18.19
#